data_8B5C
#
_entry.id   8B5C
#
_cell.length_a   42.527
_cell.length_b   46.748
_cell.length_c   58.902
_cell.angle_alpha   90.000
_cell.angle_beta   90.000
_cell.angle_gamma   90.000
#
_symmetry.space_group_name_H-M   'P 21 21 21'
#
loop_
_entity.id
_entity.type
_entity.pdbx_description
1 polymer 'Bromodomain-containing protein 4'
2 polymer H4K5/8ApmTri
3 water water
#
loop_
_entity_poly.entity_id
_entity_poly.type
_entity_poly.pdbx_seq_one_letter_code
_entity_poly.pdbx_strand_id
1 'polypeptide(L)'
;GSHMNPPPPETSNPNKPKRQTNQLQYLLRVVLKTLWKHQFAWPFQQPVDAVKLNLPDYYKIIKTPMDMGTIKKRLENNYY
WNAQECIQDFNTMFTNCYIYNKPGDDIVLMAEALEKLFLQKINELPTEE
;
A
2 'polypeptide(L)' (ACE)SGRG(P1V)GG(P1V)GLGK B
#
loop_
_chem_comp.id
_chem_comp.type
_chem_comp.name
_chem_comp.formula
ACE non-polymer 'ACETYL GROUP' 'C2 H4 O'
P1V non-polymer '(2~{S})-2-azanyl-6-(5-methyl-1~{H}-1,2,4-triazol-3-yl)hexanoic acid' 'C9 H16 N4 O2'
#
# COMPACT_ATOMS: atom_id res chain seq x y z
C GLY A 1 9.09 15.68 21.07
N SER A 2 9.99 15.77 20.09
CA SER A 2 9.59 15.83 18.69
C SER A 2 9.69 14.44 18.06
N HIS A 3 8.93 14.24 16.98
CA HIS A 3 9.10 13.08 16.11
C HIS A 3 8.77 13.51 14.70
N MET A 4 9.38 12.83 13.72
CA MET A 4 9.27 13.23 12.34
C MET A 4 8.83 12.04 11.51
N ASN A 5 8.29 12.35 10.34
CA ASN A 5 8.04 11.30 9.36
C ASN A 5 9.36 10.84 8.76
N PRO A 6 9.52 9.55 8.46
CA PRO A 6 10.63 9.13 7.63
C PRO A 6 10.43 9.66 6.22
N PRO A 7 11.48 9.67 5.40
CA PRO A 7 11.29 9.91 3.98
C PRO A 7 10.39 8.83 3.42
N PRO A 8 9.63 9.13 2.38
CA PRO A 8 8.75 8.12 1.77
C PRO A 8 9.58 7.07 1.06
N PRO A 9 8.99 5.91 0.76
CA PRO A 9 9.79 4.87 0.10
C PRO A 9 10.33 5.36 -1.23
N GLU A 10 11.50 4.83 -1.60
CA GLU A 10 12.08 5.14 -2.90
C GLU A 10 11.12 4.72 -4.02
N THR A 11 11.02 5.54 -5.06
CA THR A 11 10.11 5.20 -6.16
C THR A 11 10.80 5.08 -7.51
N SER A 12 12.09 5.37 -7.58
CA SER A 12 12.83 5.16 -8.81
C SER A 12 14.16 4.53 -8.44
N ASN A 13 14.65 3.67 -9.33
CA ASN A 13 15.94 3.02 -9.19
C ASN A 13 16.57 3.20 -10.56
N PRO A 14 17.30 4.29 -10.77
CA PRO A 14 17.80 4.60 -12.11
C PRO A 14 18.83 3.62 -12.61
N ASN A 15 19.40 2.81 -11.72
CA ASN A 15 20.41 1.85 -12.10
C ASN A 15 19.82 0.47 -12.39
N LYS A 16 18.53 0.27 -12.12
CA LYS A 16 17.82 -0.99 -12.37
C LYS A 16 17.26 -1.01 -13.78
N PRO A 17 17.43 -2.08 -14.55
CA PRO A 17 16.82 -2.14 -15.89
C PRO A 17 15.31 -2.04 -15.81
N LYS A 18 14.71 -1.53 -16.88
CA LYS A 18 13.28 -1.22 -16.92
C LYS A 18 12.59 -1.92 -18.07
N ARG A 19 11.38 -2.39 -17.83
CA ARG A 19 10.59 -3.00 -18.88
C ARG A 19 9.12 -2.81 -18.57
N GLN A 20 8.32 -2.90 -19.64
CA GLN A 20 6.87 -2.89 -19.53
C GLN A 20 6.39 -4.26 -19.97
N THR A 21 5.59 -4.91 -19.12
CA THR A 21 5.02 -6.20 -19.48
C THR A 21 3.50 -6.13 -19.39
N ASN A 22 2.85 -7.13 -19.98
CA ASN A 22 1.40 -7.20 -19.90
C ASN A 22 0.95 -7.25 -18.44
N GLN A 23 1.67 -8.01 -17.61
CA GLN A 23 1.27 -8.16 -16.21
C GLN A 23 1.50 -6.88 -15.42
N LEU A 24 2.61 -6.18 -15.68
CA LEU A 24 2.82 -4.90 -15.00
C LEU A 24 1.77 -3.89 -15.43
N GLN A 25 1.41 -3.88 -16.72
CA GLN A 25 0.37 -2.98 -17.19
C GLN A 25 -0.96 -3.28 -16.52
N TYR A 26 -1.28 -4.57 -16.37
CA TYR A 26 -2.49 -4.97 -15.67
C TYR A 26 -2.45 -4.52 -14.21
N LEU A 27 -1.31 -4.68 -13.55
CA LEU A 27 -1.20 -4.25 -12.16
C LEU A 27 -1.46 -2.76 -12.03
N LEU A 28 -0.96 -1.95 -12.96
CA LEU A 28 -1.16 -0.50 -12.88
C LEU A 28 -2.57 -0.09 -13.28
N ARG A 29 -3.01 -0.54 -14.46
CA ARG A 29 -4.25 -0.06 -15.07
C ARG A 29 -5.49 -0.81 -14.62
N VAL A 30 -5.33 -1.94 -13.94
CA VAL A 30 -6.50 -2.68 -13.50
C VAL A 30 -6.45 -2.89 -11.99
N VAL A 31 -5.37 -3.50 -11.48
CA VAL A 31 -5.32 -3.82 -10.07
C VAL A 31 -5.24 -2.54 -9.24
N LEU A 32 -4.17 -1.77 -9.44
CA LEU A 32 -4.05 -0.54 -8.67
C LEU A 32 -5.22 0.40 -8.94
N LYS A 33 -5.65 0.52 -10.21
CA LYS A 33 -6.72 1.45 -10.52
C LYS A 33 -8.03 1.07 -9.84
N THR A 34 -8.36 -0.23 -9.82
CA THR A 34 -9.59 -0.67 -9.17
C THR A 34 -9.56 -0.42 -7.67
N LEU A 35 -8.43 -0.69 -7.02
CA LEU A 35 -8.32 -0.41 -5.59
C LEU A 35 -8.32 1.08 -5.32
N TRP A 36 -7.62 1.85 -6.16
CA TRP A 36 -7.50 3.30 -5.94
C TRP A 36 -8.87 3.96 -5.89
N LYS A 37 -9.78 3.50 -6.73
CA LYS A 37 -11.10 4.10 -6.88
C LYS A 37 -12.12 3.59 -5.86
N HIS A 38 -11.75 2.62 -5.03
CA HIS A 38 -12.66 2.06 -4.05
C HIS A 38 -12.94 3.07 -2.94
N GLN A 39 -14.13 2.97 -2.35
CA GLN A 39 -14.51 3.93 -1.32
C GLN A 39 -13.57 3.88 -0.13
N PHE A 40 -12.93 2.74 0.13
CA PHE A 40 -12.06 2.60 1.30
C PHE A 40 -10.59 2.93 1.02
N ALA A 41 -10.26 3.44 -0.17
CA ALA A 41 -8.86 3.57 -0.55
C ALA A 41 -8.14 4.75 0.09
N TRP A 42 -8.86 5.81 0.45
CA TRP A 42 -8.16 7.07 0.74
C TRP A 42 -7.09 6.98 1.83
N PRO A 43 -7.22 6.19 2.91
CA PRO A 43 -6.11 6.14 3.88
C PRO A 43 -4.86 5.47 3.34
N PHE A 44 -4.97 4.75 2.23
CA PHE A 44 -3.87 3.97 1.68
C PHE A 44 -3.23 4.61 0.46
N GLN A 45 -3.68 5.80 0.07
CA GLN A 45 -3.21 6.45 -1.16
C GLN A 45 -1.92 7.23 -1.01
N GLN A 46 -1.36 7.34 0.20
CA GLN A 46 -0.13 8.06 0.48
C GLN A 46 0.49 7.43 1.73
N PRO A 47 1.78 7.68 1.97
CA PRO A 47 2.39 7.18 3.22
C PRO A 47 1.66 7.68 4.46
N VAL A 48 1.61 6.84 5.48
CA VAL A 48 1.05 7.25 6.77
C VAL A 48 1.80 8.48 7.25
N ASP A 49 1.07 9.59 7.44
CA ASP A 49 1.66 10.83 7.95
C ASP A 49 1.55 10.80 9.46
N ALA A 50 2.61 10.31 10.10
CA ALA A 50 2.55 10.11 11.55
C ALA A 50 2.54 11.44 12.30
N VAL A 51 3.10 12.48 11.71
CA VAL A 51 3.11 13.78 12.38
C VAL A 51 1.70 14.37 12.38
N LYS A 52 1.06 14.45 11.20
CA LYS A 52 -0.24 15.10 11.14
C LYS A 52 -1.35 14.25 11.75
N LEU A 53 -1.18 12.92 11.81
CA LEU A 53 -2.11 12.03 12.48
C LEU A 53 -1.79 11.83 13.96
N ASN A 54 -0.68 12.39 14.46
CA ASN A 54 -0.28 12.28 15.86
C ASN A 54 -0.11 10.82 16.28
N LEU A 55 0.67 10.08 15.50
CA LEU A 55 0.99 8.67 15.76
C LEU A 55 2.50 8.53 15.90
N PRO A 56 3.07 9.03 16.98
CA PRO A 56 4.53 8.88 17.18
C PRO A 56 4.98 7.43 17.29
N ASP A 57 4.07 6.50 17.49
CA ASP A 57 4.47 5.10 17.55
C ASP A 57 4.39 4.38 16.21
N TYR A 58 3.86 5.01 15.15
CA TYR A 58 3.65 4.24 13.93
C TYR A 58 4.95 3.71 13.35
N TYR A 59 5.96 4.58 13.20
CA TYR A 59 7.21 4.12 12.61
C TYR A 59 8.16 3.55 13.64
N LYS A 60 7.76 3.52 14.92
CA LYS A 60 8.41 2.63 15.87
C LYS A 60 8.00 1.18 15.65
N ILE A 61 6.77 0.97 15.18
CA ILE A 61 6.24 -0.37 14.98
C ILE A 61 6.41 -0.84 13.54
N ILE A 62 6.22 0.06 12.58
CA ILE A 62 6.23 -0.29 11.17
C ILE A 62 7.56 0.15 10.58
N LYS A 63 8.44 -0.81 10.27
CA LYS A 63 9.74 -0.51 9.71
C LYS A 63 9.79 -0.72 8.20
N THR A 64 8.76 -1.33 7.62
CA THR A 64 8.70 -1.52 6.18
C THR A 64 7.40 -0.89 5.65
N PRO A 65 7.23 0.43 5.78
CA PRO A 65 5.99 1.06 5.33
C PRO A 65 5.79 0.92 3.82
N MET A 66 4.51 0.85 3.43
CA MET A 66 4.18 0.79 2.02
C MET A 66 2.76 1.31 1.86
N ASP A 67 2.51 1.91 0.70
CA ASP A 67 1.22 2.51 0.46
C ASP A 67 0.93 2.47 -1.04
N MET A 68 -0.32 2.72 -1.40
CA MET A 68 -0.70 2.63 -2.81
C MET A 68 -0.15 3.79 -3.63
N GLY A 69 0.06 4.96 -3.02
CA GLY A 69 0.66 6.06 -3.76
C GLY A 69 2.08 5.73 -4.18
N THR A 70 2.83 5.08 -3.29
CA THR A 70 4.17 4.59 -3.60
C THR A 70 4.13 3.54 -4.70
N ILE A 71 3.20 2.58 -4.61
CA ILE A 71 3.10 1.51 -5.60
C ILE A 71 2.79 2.11 -6.97
N LYS A 72 1.87 3.08 -7.01
CA LYS A 72 1.54 3.75 -8.27
C LYS A 72 2.77 4.44 -8.87
N LYS A 73 3.53 5.16 -8.05
CA LYS A 73 4.72 5.84 -8.54
C LYS A 73 5.75 4.83 -9.02
N ARG A 74 5.91 3.73 -8.28
CA ARG A 74 6.84 2.68 -8.68
C ARG A 74 6.46 2.08 -10.04
N LEU A 75 5.17 1.76 -10.22
CA LEU A 75 4.73 1.26 -11.52
C LEU A 75 5.00 2.29 -12.61
N GLU A 76 4.70 3.58 -12.34
CA GLU A 76 4.90 4.59 -13.36
C GLU A 76 6.38 4.77 -13.71
N ASN A 77 7.26 4.51 -12.76
CA ASN A 77 8.69 4.63 -12.98
C ASN A 77 9.33 3.34 -13.47
N ASN A 78 8.53 2.31 -13.74
CA ASN A 78 9.05 0.99 -14.11
C ASN A 78 10.04 0.48 -13.05
N TYR A 79 9.70 0.74 -11.79
CA TYR A 79 10.52 0.30 -10.67
C TYR A 79 10.54 -1.21 -10.56
N TYR A 80 9.42 -1.85 -10.87
CA TYR A 80 9.29 -3.30 -10.81
C TYR A 80 9.64 -3.93 -12.15
N TRP A 81 10.50 -4.93 -12.12
CA TRP A 81 10.80 -5.80 -13.27
C TRP A 81 9.85 -6.99 -13.31
N ASN A 82 9.51 -7.54 -12.15
CA ASN A 82 8.64 -8.71 -12.04
C ASN A 82 7.34 -8.33 -11.37
N ALA A 83 6.24 -8.90 -11.85
CA ALA A 83 4.93 -8.67 -11.25
C ALA A 83 4.93 -9.00 -9.76
N GLN A 84 5.68 -10.05 -9.38
CA GLN A 84 5.69 -10.48 -7.98
C GLN A 84 6.26 -9.41 -7.03
N GLU A 85 7.21 -8.59 -7.50
CA GLU A 85 7.71 -7.48 -6.68
C GLU A 85 6.60 -6.51 -6.32
N CYS A 86 5.73 -6.21 -7.29
CA CYS A 86 4.61 -5.30 -7.06
C CYS A 86 3.60 -5.93 -6.11
N ILE A 87 3.24 -7.18 -6.37
CA ILE A 87 2.33 -7.91 -5.48
C ILE A 87 2.86 -7.93 -4.06
N GLN A 88 4.17 -8.11 -3.89
CA GLN A 88 4.74 -8.10 -2.54
C GLN A 88 4.51 -6.76 -1.83
N ASP A 89 4.60 -5.65 -2.57
CA ASP A 89 4.36 -4.34 -1.95
C ASP A 89 2.92 -4.19 -1.49
N PHE A 90 1.95 -4.65 -2.28
CA PHE A 90 0.56 -4.67 -1.81
C PHE A 90 0.43 -5.50 -0.54
N ASN A 91 1.06 -6.68 -0.52
CA ASN A 91 0.94 -7.54 0.64
C ASN A 91 1.53 -6.88 1.87
N THR A 92 2.68 -6.21 1.71
CA THR A 92 3.30 -5.48 2.82
C THR A 92 2.39 -4.37 3.35
N MET A 93 1.81 -3.60 2.44
CA MET A 93 0.83 -2.59 2.84
C MET A 93 -0.27 -3.17 3.72
N PHE A 94 -0.87 -4.30 3.30
CA PHE A 94 -1.96 -4.85 4.09
C PHE A 94 -1.46 -5.36 5.43
N THR A 95 -0.32 -6.07 5.44
CA THR A 95 0.15 -6.64 6.70
CA THR A 95 0.19 -6.65 6.69
C THR A 95 0.55 -5.55 7.69
N ASN A 96 1.12 -4.45 7.20
CA ASN A 96 1.45 -3.35 8.11
C ASN A 96 0.21 -2.88 8.86
N CYS A 97 -0.92 -2.77 8.16
CA CYS A 97 -2.16 -2.31 8.76
C CYS A 97 -2.61 -3.24 9.87
N TYR A 98 -2.49 -4.56 9.65
CA TYR A 98 -2.88 -5.53 10.65
C TYR A 98 -1.89 -5.58 11.81
N ILE A 99 -0.63 -5.21 11.58
CA ILE A 99 0.33 -5.14 12.69
C ILE A 99 0.01 -3.97 13.60
N TYR A 100 -0.22 -2.80 13.02
CA TYR A 100 -0.32 -1.59 13.85
C TYR A 100 -1.67 -1.45 14.54
N ASN A 101 -2.74 -1.86 13.87
CA ASN A 101 -4.09 -1.52 14.31
C ASN A 101 -4.78 -2.69 14.98
N LYS A 102 -5.62 -2.39 15.96
CA LYS A 102 -6.27 -3.45 16.71
C LYS A 102 -7.33 -4.14 15.84
N PRO A 103 -7.54 -5.44 16.03
CA PRO A 103 -8.59 -6.12 15.28
C PRO A 103 -9.93 -5.50 15.57
N GLY A 104 -10.73 -5.33 14.52
CA GLY A 104 -12.02 -4.69 14.66
C GLY A 104 -12.01 -3.19 14.45
N ASP A 105 -10.84 -2.55 14.41
CA ASP A 105 -10.81 -1.13 14.10
C ASP A 105 -11.27 -0.91 12.66
N ASP A 106 -11.85 0.27 12.42
CA ASP A 106 -12.32 0.64 11.09
C ASP A 106 -11.25 0.41 10.04
N ILE A 107 -10.04 0.91 10.28
CA ILE A 107 -9.01 0.84 9.23
C ILE A 107 -8.71 -0.60 8.87
N VAL A 108 -8.84 -1.52 9.84
CA VAL A 108 -8.57 -2.93 9.56
C VAL A 108 -9.65 -3.52 8.68
N LEU A 109 -10.92 -3.15 8.93
CA LEU A 109 -11.99 -3.63 8.07
C LEU A 109 -11.86 -3.06 6.66
N MET A 110 -11.38 -1.84 6.54
CA MET A 110 -11.11 -1.26 5.23
C MET A 110 -10.01 -2.02 4.51
N ALA A 111 -8.90 -2.29 5.21
CA ALA A 111 -7.83 -3.08 4.62
C ALA A 111 -8.31 -4.47 4.19
N GLU A 112 -9.16 -5.11 5.00
CA GLU A 112 -9.61 -6.47 4.65
C GLU A 112 -10.48 -6.44 3.40
N ALA A 113 -11.31 -5.42 3.26
CA ALA A 113 -12.12 -5.27 2.05
C ALA A 113 -11.25 -5.00 0.83
N LEU A 114 -10.25 -4.13 0.97
CA LEU A 114 -9.37 -3.84 -0.16
C LEU A 114 -8.54 -5.06 -0.52
N GLU A 115 -8.09 -5.81 0.49
CA GLU A 115 -7.33 -7.01 0.21
C GLU A 115 -8.18 -8.04 -0.53
N LYS A 116 -9.45 -8.20 -0.14
CA LYS A 116 -10.32 -9.15 -0.84
C LYS A 116 -10.44 -8.77 -2.32
N LEU A 117 -10.63 -7.48 -2.60
CA LEU A 117 -10.72 -7.02 -3.98
C LEU A 117 -9.39 -7.23 -4.72
N PHE A 118 -8.28 -6.92 -4.06
CA PHE A 118 -6.95 -7.19 -4.60
C PHE A 118 -6.82 -8.65 -5.04
N LEU A 119 -7.19 -9.58 -4.15
CA LEU A 119 -7.08 -10.99 -4.52
C LEU A 119 -8.00 -11.35 -5.67
N GLN A 120 -9.22 -10.79 -5.69
CA GLN A 120 -10.10 -11.01 -6.83
C GLN A 120 -9.47 -10.53 -8.13
N LYS A 121 -8.78 -9.39 -8.09
CA LYS A 121 -8.14 -8.87 -9.31
C LYS A 121 -6.96 -9.74 -9.70
N ILE A 122 -6.18 -10.20 -8.71
CA ILE A 122 -5.00 -11.03 -9.01
C ILE A 122 -5.41 -12.38 -9.58
N ASN A 123 -6.59 -12.89 -9.19
CA ASN A 123 -7.11 -14.13 -9.78
C ASN A 123 -7.15 -14.07 -11.30
N GLU A 124 -7.27 -12.87 -11.89
CA GLU A 124 -7.40 -12.72 -13.34
C GLU A 124 -6.19 -12.07 -13.98
N LEU A 125 -5.04 -12.14 -13.33
CA LEU A 125 -3.79 -11.68 -13.89
C LEU A 125 -3.56 -12.34 -15.25
N PRO A 126 -3.32 -11.58 -16.31
CA PRO A 126 -3.19 -12.18 -17.64
C PRO A 126 -1.87 -12.91 -17.80
N THR A 127 -1.80 -13.71 -18.87
CA THR A 127 -0.66 -14.58 -19.17
C THR A 127 0.70 -13.88 -19.15
C ACE B 1 -1.78 -4.16 18.07
O ACE B 1 -2.07 -4.34 19.26
CH3 ACE B 1 -2.66 -4.63 16.96
N SER B 2 -0.66 -3.52 17.71
CA SER B 2 0.27 -3.05 18.72
C SER B 2 0.27 -1.53 18.97
N GLY B 3 -0.37 -0.73 18.12
CA GLY B 3 -0.25 0.70 18.17
C GLY B 3 -1.43 1.43 18.82
N ARG B 4 -1.27 2.75 18.90
CA ARG B 4 -2.29 3.63 19.46
C ARG B 4 -3.58 3.55 18.67
N GLY B 5 -3.49 3.36 17.35
CA GLY B 5 -4.68 3.27 16.52
C GLY B 5 -5.14 4.62 15.99
C4 P1V B 6 -3.13 4.52 10.99
C5 P1V B 6 -4.60 4.63 11.35
C6 P1V B 6 -4.79 5.32 12.68
C7 P1V B 6 -6.24 5.68 12.94
N1 P1V B 6 -2.71 2.00 8.51
N2 P1V B 6 -2.68 2.40 9.81
C3 P1V B 6 -3.26 2.96 6.27
N3 P1V B 6 -3.33 4.07 8.52
N P1V B 6 -6.16 4.61 15.15
CA P1V B 6 -6.50 5.87 14.43
C P1V B 6 -7.97 6.26 14.62
O P1V B 6 -8.38 7.23 13.96
C1 P1V B 6 -3.09 3.02 7.74
C2 P1V B 6 -3.03 3.67 9.78
N GLY B 7 -8.71 5.56 15.47
CA GLY B 7 -10.10 5.91 15.72
C GLY B 7 -10.98 5.63 14.53
N GLY B 8 -12.11 6.33 14.45
CA GLY B 8 -13.12 6.00 13.45
C GLY B 8 -12.80 6.49 12.06
C4 P1V B 9 -8.38 6.29 9.81
C5 P1V B 9 -9.81 6.29 9.31
C6 P1V B 9 -10.59 5.03 9.62
C7 P1V B 9 -11.99 5.03 9.03
N1 P1V B 9 -7.28 9.57 8.95
N2 P1V B 9 -8.10 8.74 9.65
C3 P1V B 9 -5.40 9.40 7.31
N3 P1V B 9 -6.71 7.57 8.41
N P1V B 9 -13.24 5.73 11.07
CA P1V B 9 -12.98 6.05 9.63
C P1V B 9 -14.30 5.99 8.88
O P1V B 9 -14.27 5.61 7.69
C1 P1V B 9 -6.45 8.85 8.21
C2 P1V B 9 -7.73 7.53 9.31
N GLY B 10 -15.41 6.32 9.51
CA GLY B 10 -16.66 6.45 8.78
C GLY B 10 -17.39 5.16 8.48
N LEU B 11 -17.08 4.10 9.22
CA LEU B 11 -17.78 2.82 9.06
C LEU B 11 -18.87 2.65 10.13
#